data_7CNA
#
_entry.id   7CNA
#
_cell.length_a   45.603
_cell.length_b   101.184
_cell.length_c   56.615
_cell.angle_alpha   90.000
_cell.angle_beta   91.410
_cell.angle_gamma   90.000
#
_symmetry.space_group_name_H-M   'P 1 21 1'
#
loop_
_entity.id
_entity.type
_entity.pdbx_description
1 polymer Spindlin-1
2 polymer 'Spindlin interactor and repressor of chromatin-binding protein'
3 polymer ALA-ARG-THR-M3L-GLN-THR-ALA-ARG-M3L-SER-THR
4 polymer ALA-ARG-THR-M3L-GLN-THR-ALA-ARG-M3L-SER-GLY
5 non-polymer BENZAMIDINE
6 non-polymer 'CHLORIDE ION'
7 non-polymer GLYCEROL
8 water water
#
loop_
_entity_poly.entity_id
_entity_poly.type
_entity_poly.pdbx_seq_one_letter_code
_entity_poly.pdbx_strand_id
1 'polypeptide(L)'
;RNIVGCRIQHGWKEGNGPVTQWKGTVLDQVPVNPSLYLIKYDGFDCVYGLELNKDERVSALEVLPDRVATSRISDAHLAD
TMIGKAVEHMFETEDGSKDEWRGMVLARAPVMNTWFYITYEKDPVLYMYQLLDDYKEGDLRIMPDSNDSPPAEREPGEVV
DSLVGKQVEYAKEDGSKRTGMVIHQVEAKPSVYFIKFDDDFHIYVYDLVKTS
;
A,D
2 'polypeptide(L)' ETFAAPAEVRHFTDGSFPAGFVLQLFSHTQ B,E
3 'polypeptide(L)' ART(M3L)QTAR(M3L)STG C
4 'polypeptide(L)' ART(M3L)QTAR(M3L)SGG F
#
# COMPACT_ATOMS: atom_id res chain seq x y z
N ARG A 1 -9.09 14.92 -3.46
CA ARG A 1 -10.17 13.90 -3.55
C ARG A 1 -9.66 12.52 -3.09
N ASN A 2 -9.12 12.36 -1.86
CA ASN A 2 -8.84 10.97 -1.38
C ASN A 2 -10.13 10.44 -0.75
N ILE A 3 -10.68 9.37 -1.31
CA ILE A 3 -11.97 8.79 -0.86
C ILE A 3 -11.73 7.54 0.00
N VAL A 4 -10.51 7.06 0.14
CA VAL A 4 -10.29 5.90 1.06
C VAL A 4 -10.73 6.28 2.47
N GLY A 5 -11.50 5.43 3.10
CA GLY A 5 -12.00 5.62 4.47
C GLY A 5 -13.25 6.45 4.51
N CYS A 6 -13.76 6.87 3.37
CA CYS A 6 -15.03 7.62 3.28
C CYS A 6 -16.22 6.73 3.01
N ARG A 7 -17.39 7.19 3.41
CA ARG A 7 -18.66 6.66 2.92
C ARG A 7 -18.98 7.35 1.60
N ILE A 8 -19.50 6.61 0.65
CA ILE A 8 -19.80 7.13 -0.70
C ILE A 8 -21.18 6.71 -1.11
N GLN A 9 -21.75 7.42 -2.07
CA GLN A 9 -23.00 7.02 -2.74
CA GLN A 9 -23.00 6.98 -2.74
C GLN A 9 -22.80 7.22 -4.23
N HIS A 10 -23.31 6.33 -5.02
CA HIS A 10 -23.26 6.55 -6.48
C HIS A 10 -24.41 5.83 -7.15
N GLY A 11 -24.70 6.24 -8.37
CA GLY A 11 -25.58 5.46 -9.21
C GLY A 11 -24.88 4.30 -9.88
N TRP A 12 -25.64 3.25 -10.13
CA TRP A 12 -25.17 2.05 -10.83
C TRP A 12 -26.21 1.69 -11.88
N LYS A 13 -25.75 1.35 -13.07
CA LYS A 13 -26.66 0.84 -14.10
C LYS A 13 -26.27 -0.60 -14.45
N GLU A 14 -27.16 -1.52 -14.06
CA GLU A 14 -27.02 -2.95 -14.42
C GLU A 14 -27.72 -3.19 -15.76
N GLY A 15 -26.95 -3.59 -16.77
CA GLY A 15 -27.49 -3.87 -18.11
C GLY A 15 -28.29 -2.68 -18.59
N ASN A 16 -29.51 -2.90 -19.07
CA ASN A 16 -30.35 -1.78 -19.61
C ASN A 16 -31.45 -1.44 -18.59
N GLY A 17 -31.18 -1.70 -17.31
CA GLY A 17 -32.10 -1.41 -16.19
C GLY A 17 -32.00 0.03 -15.71
N PRO A 18 -32.81 0.42 -14.70
CA PRO A 18 -32.78 1.77 -14.18
C PRO A 18 -31.46 2.07 -13.47
N VAL A 19 -31.12 3.35 -13.40
CA VAL A 19 -29.99 3.80 -12.56
C VAL A 19 -30.44 3.66 -11.12
N THR A 20 -29.69 2.88 -10.34
CA THR A 20 -30.03 2.68 -8.89
C THR A 20 -28.93 3.27 -8.03
N GLN A 21 -29.29 3.90 -6.90
CA GLN A 21 -28.30 4.45 -5.95
C GLN A 21 -27.84 3.32 -5.02
N TRP A 22 -26.54 3.31 -4.76
CA TRP A 22 -25.92 2.42 -3.76
C TRP A 22 -25.02 3.22 -2.85
N LYS A 23 -25.02 2.84 -1.58
CA LYS A 23 -24.14 3.41 -0.57
C LYS A 23 -23.11 2.41 -0.09
N GLY A 24 -21.89 2.88 0.13
CA GLY A 24 -20.83 1.96 0.62
C GLY A 24 -19.71 2.67 1.30
N THR A 25 -18.73 1.88 1.67
CA THR A 25 -17.53 2.34 2.39
C THR A 25 -16.31 1.98 1.58
N VAL A 26 -15.47 2.95 1.29
CA VAL A 26 -14.24 2.71 0.52
C VAL A 26 -13.14 2.23 1.48
N LEU A 27 -12.70 0.99 1.27
CA LEU A 27 -11.79 0.29 2.19
C LEU A 27 -10.33 0.57 1.82
N ASP A 28 -10.03 0.68 0.55
CA ASP A 28 -8.64 0.58 0.05
C ASP A 28 -8.62 1.13 -1.36
N GLN A 29 -7.44 1.59 -1.73
CA GLN A 29 -7.05 1.97 -3.08
C GLN A 29 -5.85 1.07 -3.38
N VAL A 30 -5.94 0.28 -4.41
CA VAL A 30 -4.91 -0.78 -4.65
C VAL A 30 -3.58 -0.16 -5.05
N PRO A 31 -2.50 -0.38 -4.29
CA PRO A 31 -1.21 0.24 -4.65
C PRO A 31 -0.76 -0.01 -6.09
N VAL A 32 -0.94 -1.20 -6.63
CA VAL A 32 -0.46 -1.55 -7.99
C VAL A 32 -1.42 -1.06 -9.06
N ASN A 33 -2.57 -0.51 -8.70
CA ASN A 33 -3.47 0.13 -9.67
C ASN A 33 -4.33 1.12 -8.92
N PRO A 34 -3.84 2.38 -8.73
CA PRO A 34 -4.58 3.33 -7.90
C PRO A 34 -5.93 3.80 -8.45
N SER A 35 -6.31 3.34 -9.64
CA SER A 35 -7.68 3.53 -10.15
C SER A 35 -8.65 2.54 -9.51
N LEU A 36 -8.12 1.47 -8.91
CA LEU A 36 -8.97 0.37 -8.39
C LEU A 36 -9.21 0.56 -6.91
N TYR A 37 -10.47 0.66 -6.53
CA TYR A 37 -10.90 0.76 -5.12
C TYR A 37 -11.58 -0.50 -4.67
N LEU A 38 -11.38 -0.85 -3.40
CA LEU A 38 -12.12 -1.94 -2.75
C LEU A 38 -13.19 -1.29 -1.88
N ILE A 39 -14.40 -1.75 -2.08
CA ILE A 39 -15.62 -1.16 -1.47
C ILE A 39 -16.45 -2.23 -0.78
N LYS A 40 -16.96 -1.94 0.40
CA LYS A 40 -18.02 -2.71 1.05
C LYS A 40 -19.31 -1.92 0.86
N TYR A 41 -20.25 -2.48 0.17
CA TYR A 41 -21.59 -1.84 0.01
C TYR A 41 -22.44 -2.14 1.22
N ASP A 42 -23.23 -1.16 1.66
CA ASP A 42 -24.10 -1.35 2.84
C ASP A 42 -25.02 -2.51 2.59
N GLY A 43 -25.10 -3.35 3.60
CA GLY A 43 -26.03 -4.46 3.58
C GLY A 43 -25.43 -5.72 3.06
N PHE A 44 -24.28 -5.66 2.38
CA PHE A 44 -23.71 -6.83 1.66
C PHE A 44 -22.30 -7.11 2.15
N ASP A 45 -21.95 -8.40 2.16
CA ASP A 45 -20.69 -8.80 2.84
C ASP A 45 -19.53 -9.04 1.86
N CYS A 46 -19.77 -9.08 0.57
CA CYS A 46 -18.72 -9.28 -0.45
C CYS A 46 -17.87 -8.01 -0.63
N VAL A 47 -16.57 -8.10 -0.83
CA VAL A 47 -15.76 -6.92 -1.18
C VAL A 47 -15.80 -6.71 -2.69
N TYR A 48 -16.12 -5.51 -3.14
CA TYR A 48 -16.20 -5.19 -4.57
C TYR A 48 -14.94 -4.46 -4.99
N GLY A 49 -14.40 -4.80 -6.15
CA GLY A 49 -13.31 -4.06 -6.78
C GLY A 49 -13.85 -3.28 -7.95
N LEU A 50 -13.83 -1.95 -7.87
CA LEU A 50 -14.33 -1.09 -8.96
C LEU A 50 -13.35 0.05 -9.22
N GLU A 51 -13.13 0.33 -10.49
CA GLU A 51 -12.41 1.57 -10.89
C GLU A 51 -13.45 2.69 -10.91
N LEU A 52 -13.73 3.23 -9.75
CA LEU A 52 -14.92 4.08 -9.52
C LEU A 52 -14.94 5.26 -10.48
N ASN A 53 -13.80 5.80 -10.84
CA ASN A 53 -13.74 7.01 -11.71
C ASN A 53 -13.71 6.62 -13.20
N LYS A 54 -13.52 5.35 -13.55
CA LYS A 54 -13.38 4.90 -14.96
C LYS A 54 -14.56 4.03 -15.43
N ASP A 55 -15.24 3.33 -14.54
CA ASP A 55 -16.27 2.33 -14.84
C ASP A 55 -17.49 3.04 -15.42
N GLU A 56 -17.89 2.64 -16.62
CA GLU A 56 -18.99 3.29 -17.35
C GLU A 56 -20.31 3.04 -16.62
N ARG A 57 -20.40 2.09 -15.66
CA ARG A 57 -21.67 1.77 -14.96
C ARG A 57 -21.86 2.69 -13.75
N VAL A 58 -20.83 3.43 -13.37
CA VAL A 58 -20.82 4.29 -12.16
C VAL A 58 -21.16 5.72 -12.57
N SER A 59 -22.11 6.35 -11.91
CA SER A 59 -22.46 7.76 -12.11
C SER A 59 -22.66 8.49 -10.79
N ALA A 60 -22.58 9.81 -10.81
CA ALA A 60 -23.03 10.67 -9.69
C ALA A 60 -22.32 10.27 -8.40
N LEU A 61 -21.03 9.92 -8.45
CA LEU A 61 -20.28 9.53 -7.24
C LEU A 61 -20.21 10.74 -6.31
N GLU A 62 -20.60 10.57 -5.07
CA GLU A 62 -20.42 11.63 -4.06
C GLU A 62 -19.89 11.03 -2.77
N VAL A 63 -19.06 11.79 -2.08
CA VAL A 63 -18.57 11.47 -0.72
C VAL A 63 -19.61 11.93 0.28
N LEU A 64 -20.09 11.05 1.13
CA LEU A 64 -21.10 11.35 2.16
C LEU A 64 -20.40 11.97 3.36
N PRO A 65 -21.10 12.87 4.09
CA PRO A 65 -20.48 13.57 5.21
C PRO A 65 -20.31 12.66 6.44
N ASP A 66 -21.13 11.60 6.52
CA ASP A 66 -21.10 10.61 7.64
C ASP A 66 -19.73 9.95 7.76
N ARG A 67 -19.22 9.85 8.99
CA ARG A 67 -17.96 9.14 9.32
C ARG A 67 -18.24 7.64 9.42
N VAL A 68 -17.28 6.84 8.98
CA VAL A 68 -17.30 5.37 9.22
C VAL A 68 -17.25 5.17 10.74
N ALA A 69 -18.11 4.31 11.27
CA ALA A 69 -18.14 3.87 12.68
C ALA A 69 -16.82 3.17 13.03
N THR A 70 -16.33 3.40 14.24
CA THR A 70 -15.27 2.59 14.86
C THR A 70 -15.85 2.01 16.18
N SER A 71 -15.59 0.73 16.45
CA SER A 71 -15.75 0.12 17.79
C SER A 71 -14.40 -0.47 18.21
N ARG A 72 -14.13 -0.52 19.52
CA ARG A 72 -12.94 -1.23 20.04
C ARG A 72 -13.18 -2.73 19.82
N ILE A 73 -12.19 -3.45 19.31
CA ILE A 73 -12.19 -4.94 19.26
C ILE A 73 -12.50 -5.48 20.66
N SER A 74 -13.44 -6.42 20.78
CA SER A 74 -13.88 -7.00 22.09
C SER A 74 -12.78 -7.89 22.70
N ASP A 75 -12.08 -8.69 21.88
CA ASP A 75 -11.01 -9.63 22.35
C ASP A 75 -9.85 -9.52 21.36
N ALA A 76 -8.84 -8.68 21.64
CA ALA A 76 -7.76 -8.38 20.67
C ALA A 76 -6.92 -9.63 20.40
N HIS A 77 -6.69 -10.46 21.43
CA HIS A 77 -5.91 -11.68 21.22
C HIS A 77 -6.65 -12.65 20.28
N LEU A 78 -7.97 -12.73 20.40
CA LEU A 78 -8.79 -13.64 19.57
C LEU A 78 -8.69 -13.15 18.13
N ALA A 79 -8.76 -11.84 17.94
CA ALA A 79 -8.66 -11.26 16.58
C ALA A 79 -7.34 -11.74 15.97
N ASP A 80 -6.26 -11.60 16.74
CA ASP A 80 -4.91 -12.00 16.25
C ASP A 80 -4.86 -13.51 16.02
N THR A 81 -5.48 -14.33 16.87
CA THR A 81 -5.49 -15.81 16.77
C THR A 81 -6.14 -16.28 15.47
N MET A 82 -7.23 -15.62 15.05
CA MET A 82 -8.00 -16.04 13.87
C MET A 82 -7.20 -15.82 12.58
N ILE A 83 -6.29 -14.84 12.55
CA ILE A 83 -5.69 -14.42 11.26
C ILE A 83 -4.86 -15.55 10.69
N GLY A 84 -5.14 -15.92 9.44
CA GLY A 84 -4.42 -16.96 8.69
C GLY A 84 -4.91 -18.36 8.99
N LYS A 85 -5.94 -18.51 9.83
CA LYS A 85 -6.42 -19.85 10.18
C LYS A 85 -7.51 -20.33 9.24
N ALA A 86 -7.54 -21.63 9.02
CA ALA A 86 -8.70 -22.30 8.46
C ALA A 86 -9.80 -22.21 9.48
N VAL A 87 -11.03 -22.09 9.00
CA VAL A 87 -12.24 -22.02 9.83
C VAL A 87 -13.39 -22.81 9.24
N GLU A 88 -14.37 -23.12 10.07
CA GLU A 88 -15.71 -23.58 9.68
C GLU A 88 -16.66 -22.49 10.14
N HIS A 89 -17.28 -21.81 9.19
CA HIS A 89 -18.12 -20.62 9.43
C HIS A 89 -19.58 -21.02 9.21
N MET A 90 -20.37 -20.97 10.25
CA MET A 90 -21.79 -21.40 10.17
CA MET A 90 -21.80 -21.41 10.20
C MET A 90 -22.71 -20.30 9.66
N PHE A 91 -23.54 -20.62 8.67
CA PHE A 91 -24.62 -19.76 8.12
C PHE A 91 -25.95 -20.48 8.29
N GLU A 92 -27.03 -19.77 8.57
CA GLU A 92 -28.31 -20.53 8.61
C GLU A 92 -29.04 -20.42 7.28
N THR A 93 -29.74 -21.50 6.95
CA THR A 93 -30.54 -21.69 5.71
C THR A 93 -32.01 -21.46 6.04
N GLU A 94 -32.84 -21.45 5.00
CA GLU A 94 -34.24 -21.02 5.13
C GLU A 94 -35.00 -21.98 6.05
N ASP A 95 -34.57 -23.23 6.29
CA ASP A 95 -35.31 -24.11 7.21
C ASP A 95 -34.79 -24.00 8.64
N GLY A 96 -33.84 -23.07 8.87
CA GLY A 96 -33.33 -22.73 10.22
C GLY A 96 -32.10 -23.54 10.57
N SER A 97 -31.72 -24.52 9.77
CA SER A 97 -30.54 -25.37 10.07
C SER A 97 -29.29 -24.61 9.64
N LYS A 98 -28.18 -25.03 10.19
CA LYS A 98 -26.91 -24.33 10.02
C LYS A 98 -26.10 -25.14 9.02
N ASP A 99 -25.46 -24.40 8.12
CA ASP A 99 -24.58 -24.92 7.07
C ASP A 99 -23.17 -24.35 7.31
N GLU A 100 -22.22 -25.24 7.60
CA GLU A 100 -20.83 -24.89 7.84
C GLU A 100 -20.19 -24.69 6.48
N TRP A 101 -19.52 -23.55 6.33
CA TRP A 101 -18.69 -23.27 5.16
C TRP A 101 -17.23 -23.28 5.59
N ARG A 102 -16.43 -24.06 4.93
CA ARG A 102 -14.98 -24.13 5.16
C ARG A 102 -14.32 -22.91 4.53
N GLY A 103 -13.48 -22.21 5.28
CA GLY A 103 -12.81 -21.05 4.70
C GLY A 103 -11.53 -20.75 5.42
N MET A 104 -11.07 -19.54 5.19
CA MET A 104 -9.77 -19.11 5.77
C MET A 104 -9.90 -17.64 6.08
N VAL A 105 -9.56 -17.25 7.31
CA VAL A 105 -9.51 -15.81 7.69
C VAL A 105 -8.17 -15.26 7.21
N LEU A 106 -8.21 -14.19 6.47
CA LEU A 106 -7.00 -13.71 5.74
C LEU A 106 -6.30 -12.57 6.47
N ALA A 107 -7.07 -11.65 7.03
CA ALA A 107 -6.53 -10.37 7.53
C ALA A 107 -7.63 -9.59 8.22
N ARG A 108 -7.23 -8.63 9.04
CA ARG A 108 -8.14 -7.54 9.46
C ARG A 108 -8.42 -6.70 8.23
N ALA A 109 -9.68 -6.34 8.05
CA ALA A 109 -10.05 -5.41 6.97
C ALA A 109 -9.48 -4.04 7.33
N PRO A 110 -9.07 -3.28 6.32
CA PRO A 110 -8.79 -1.87 6.55
C PRO A 110 -10.09 -1.08 6.74
N VAL A 111 -9.98 0.09 7.39
CA VAL A 111 -11.05 1.13 7.54
C VAL A 111 -12.13 0.71 8.50
N MET A 112 -12.68 -0.48 8.33
CA MET A 112 -13.80 -1.01 9.14
C MET A 112 -13.19 -1.96 10.19
N ASN A 113 -12.84 -1.43 11.37
CA ASN A 113 -11.84 -2.04 12.27
C ASN A 113 -12.30 -3.34 12.94
N THR A 114 -13.59 -3.66 12.99
CA THR A 114 -14.03 -4.91 13.62
C THR A 114 -14.29 -5.98 12.54
N TRP A 115 -14.06 -5.65 11.27
CA TRP A 115 -14.34 -6.58 10.16
C TRP A 115 -13.06 -7.32 9.79
N PHE A 116 -13.24 -8.55 9.27
CA PHE A 116 -12.16 -9.43 8.85
C PHE A 116 -12.39 -9.90 7.43
N TYR A 117 -11.30 -9.93 6.68
CA TYR A 117 -11.29 -10.52 5.33
C TYR A 117 -11.28 -12.04 5.47
N ILE A 118 -12.13 -12.70 4.73
CA ILE A 118 -12.27 -14.19 4.76
C ILE A 118 -12.68 -14.64 3.35
N THR A 119 -12.24 -15.84 3.00
CA THR A 119 -12.69 -16.49 1.74
C THR A 119 -13.04 -17.93 2.05
N TYR A 120 -13.63 -18.61 1.07
CA TYR A 120 -14.21 -19.95 1.28
C TYR A 120 -13.73 -20.90 0.20
N GLU A 121 -13.53 -22.13 0.63
CA GLU A 121 -13.12 -23.23 -0.27
CA GLU A 121 -13.12 -23.21 -0.29
C GLU A 121 -14.18 -23.36 -1.38
N LYS A 122 -15.45 -23.18 -1.08
CA LYS A 122 -16.51 -23.37 -2.10
C LYS A 122 -17.05 -22.04 -2.65
N ASP A 123 -16.38 -20.93 -2.31
CA ASP A 123 -16.75 -19.61 -2.84
C ASP A 123 -15.53 -18.71 -2.66
N PRO A 124 -14.61 -18.79 -3.64
CA PRO A 124 -13.25 -18.27 -3.49
C PRO A 124 -13.10 -16.79 -3.83
N VAL A 125 -14.05 -16.00 -3.30
CA VAL A 125 -13.98 -14.53 -3.43
C VAL A 125 -13.84 -13.93 -2.06
N LEU A 126 -13.45 -12.66 -2.04
CA LEU A 126 -13.18 -11.93 -0.79
C LEU A 126 -14.49 -11.45 -0.19
N TYR A 127 -14.70 -11.85 1.04
CA TYR A 127 -15.81 -11.41 1.93
C TYR A 127 -15.23 -10.72 3.15
N MET A 128 -16.09 -9.97 3.82
CA MET A 128 -15.70 -9.42 5.14
C MET A 128 -16.89 -9.52 6.10
N TYR A 129 -16.58 -9.92 7.33
CA TYR A 129 -17.56 -10.07 8.41
C TYR A 129 -16.95 -9.67 9.75
N GLN A 130 -17.84 -9.29 10.68
CA GLN A 130 -17.47 -9.06 12.09
C GLN A 130 -17.35 -10.42 12.80
N LEU A 131 -16.30 -11.17 12.53
CA LEU A 131 -16.20 -12.58 12.91
C LEU A 131 -16.07 -12.72 14.42
N LEU A 132 -15.67 -11.70 15.17
CA LEU A 132 -15.69 -11.87 16.65
C LEU A 132 -17.13 -12.07 17.10
N ASP A 133 -18.11 -11.44 16.45
CA ASP A 133 -19.53 -11.66 16.79
C ASP A 133 -19.91 -13.10 16.46
N ASP A 134 -19.56 -13.58 15.26
CA ASP A 134 -19.88 -14.99 14.93
C ASP A 134 -19.27 -15.89 15.96
N TYR A 135 -18.04 -15.63 16.33
CA TYR A 135 -17.32 -16.55 17.25
C TYR A 135 -18.08 -16.61 18.59
N LYS A 136 -18.41 -15.46 19.14
CA LYS A 136 -19.08 -15.42 20.46
C LYS A 136 -20.46 -16.07 20.36
N GLU A 137 -21.14 -16.01 19.23
CA GLU A 137 -22.48 -16.61 19.03
C GLU A 137 -22.38 -18.13 18.80
N GLY A 138 -21.18 -18.70 18.66
CA GLY A 138 -20.93 -20.12 18.48
C GLY A 138 -20.91 -20.55 17.03
N ASP A 139 -20.76 -19.61 16.11
CA ASP A 139 -20.93 -19.85 14.64
C ASP A 139 -19.58 -19.83 13.91
N LEU A 140 -18.45 -19.90 14.61
CA LEU A 140 -17.12 -19.92 13.95
C LEU A 140 -16.18 -20.85 14.70
N ARG A 141 -15.74 -21.92 14.03
CA ARG A 141 -14.73 -22.85 14.55
C ARG A 141 -13.38 -22.51 13.93
N ILE A 142 -12.38 -22.29 14.76
CA ILE A 142 -11.00 -22.01 14.30
C ILE A 142 -10.24 -23.33 14.34
N MET A 143 -9.68 -23.72 13.20
CA MET A 143 -8.98 -25.02 13.09
C MET A 143 -7.52 -24.79 13.39
N PRO A 144 -6.83 -25.81 13.92
CA PRO A 144 -5.38 -25.69 14.12
C PRO A 144 -4.60 -25.79 12.80
N ASP A 145 -3.45 -25.13 12.70
CA ASP A 145 -2.44 -25.34 11.64
C ASP A 145 -1.64 -26.63 11.93
N ARG A 154 10.89 -21.64 2.02
CA ARG A 154 10.41 -22.87 1.31
C ARG A 154 8.98 -22.67 0.77
N GLU A 155 8.15 -21.88 1.46
CA GLU A 155 6.80 -21.40 1.03
C GLU A 155 6.90 -20.89 -0.42
N PRO A 156 6.06 -21.34 -1.38
CA PRO A 156 6.07 -20.78 -2.72
C PRO A 156 6.13 -19.24 -2.73
N GLY A 157 5.30 -18.59 -1.92
CA GLY A 157 5.23 -17.11 -1.94
C GLY A 157 6.52 -16.44 -1.41
N GLU A 158 7.41 -17.21 -0.75
CA GLU A 158 8.74 -16.73 -0.29
C GLU A 158 9.83 -16.97 -1.34
N VAL A 159 9.67 -18.00 -2.17
CA VAL A 159 10.70 -18.46 -3.16
C VAL A 159 10.67 -17.57 -4.40
N VAL A 160 9.49 -17.25 -4.92
CA VAL A 160 9.33 -16.59 -6.24
C VAL A 160 9.61 -15.08 -6.07
N ASP A 161 10.04 -14.44 -7.16
CA ASP A 161 10.07 -12.96 -7.30
C ASP A 161 8.62 -12.47 -7.14
N SER A 162 8.45 -11.26 -6.61
CA SER A 162 7.09 -10.78 -6.27
C SER A 162 6.13 -10.92 -7.46
N LEU A 163 4.95 -11.48 -7.20
CA LEU A 163 3.90 -11.57 -8.23
C LEU A 163 3.02 -10.31 -8.23
N VAL A 164 3.09 -9.53 -7.18
CA VAL A 164 2.09 -8.43 -6.96
C VAL A 164 2.36 -7.34 -8.00
N GLY A 165 1.34 -6.96 -8.72
CA GLY A 165 1.43 -5.95 -9.79
C GLY A 165 1.56 -6.59 -11.15
N LYS A 166 1.84 -7.89 -11.24
CA LYS A 166 1.90 -8.57 -12.54
C LYS A 166 0.52 -8.68 -13.21
N GLN A 167 0.46 -8.48 -14.51
CA GLN A 167 -0.75 -8.66 -15.31
C GLN A 167 -0.87 -10.13 -15.72
N VAL A 168 -1.96 -10.77 -15.28
CA VAL A 168 -2.22 -12.19 -15.65
C VAL A 168 -2.95 -12.23 -16.99
N GLU A 169 -2.73 -13.34 -17.70
CA GLU A 169 -3.43 -13.73 -18.92
C GLU A 169 -3.96 -15.15 -18.74
N TYR A 170 -5.13 -15.42 -19.28
CA TYR A 170 -5.72 -16.77 -19.34
C TYR A 170 -6.66 -16.79 -20.54
N ALA A 171 -6.97 -17.97 -21.02
CA ALA A 171 -7.92 -18.16 -22.12
C ALA A 171 -9.03 -19.05 -21.61
N LYS A 172 -10.29 -18.76 -21.90
CA LYS A 172 -11.40 -19.70 -21.54
C LYS A 172 -11.43 -20.81 -22.60
N GLU A 173 -12.34 -21.79 -22.46
CA GLU A 173 -12.54 -22.92 -23.40
C GLU A 173 -12.68 -22.39 -24.84
N ASP A 174 -13.39 -21.26 -25.03
CA ASP A 174 -13.67 -20.66 -26.35
C ASP A 174 -12.44 -19.93 -26.90
N GLY A 175 -11.35 -19.80 -26.12
CA GLY A 175 -10.01 -19.50 -26.66
C GLY A 175 -9.64 -18.01 -26.65
N SER A 176 -10.57 -17.10 -26.36
CA SER A 176 -10.28 -15.65 -26.22
C SER A 176 -9.32 -15.46 -25.03
N LYS A 177 -8.41 -14.48 -25.14
CA LYS A 177 -7.47 -14.11 -24.05
C LYS A 177 -8.15 -13.04 -23.19
N ARG A 178 -8.09 -13.23 -21.88
CA ARG A 178 -8.56 -12.25 -20.89
C ARG A 178 -7.43 -11.94 -19.92
N THR A 179 -7.54 -10.81 -19.25
CA THR A 179 -6.48 -10.28 -18.38
C THR A 179 -7.02 -9.94 -16.99
N GLY A 180 -6.07 -9.82 -16.10
CA GLY A 180 -6.33 -9.38 -14.74
C GLY A 180 -5.03 -9.01 -14.08
N MET A 181 -5.06 -8.77 -12.79
CA MET A 181 -3.87 -8.31 -12.08
C MET A 181 -3.79 -8.98 -10.70
N VAL A 182 -2.58 -9.39 -10.31
CA VAL A 182 -2.27 -9.84 -8.95
C VAL A 182 -2.21 -8.59 -8.10
N ILE A 183 -3.19 -8.34 -7.23
CA ILE A 183 -3.28 -7.06 -6.51
C ILE A 183 -2.76 -7.14 -5.09
N HIS A 184 -2.54 -8.32 -4.52
CA HIS A 184 -2.18 -8.41 -3.09
C HIS A 184 -1.58 -9.78 -2.81
N GLN A 185 -0.62 -9.83 -1.90
CA GLN A 185 -0.06 -11.04 -1.27
C GLN A 185 -0.40 -11.00 0.21
N VAL A 186 -1.02 -12.06 0.71
CA VAL A 186 -1.51 -12.09 2.10
C VAL A 186 -0.34 -12.11 3.09
N GLU A 187 -0.25 -11.14 3.98
CA GLU A 187 0.89 -11.09 4.95
C GLU A 187 0.97 -12.37 5.78
N ALA A 188 -0.16 -12.85 6.31
CA ALA A 188 -0.22 -13.99 7.23
C ALA A 188 -0.01 -15.32 6.52
N LYS A 189 -0.25 -15.34 5.21
CA LYS A 189 -0.27 -16.55 4.39
C LYS A 189 0.38 -16.21 3.07
N PRO A 190 1.73 -16.11 3.00
CA PRO A 190 2.37 -15.58 1.82
C PRO A 190 2.23 -16.32 0.50
N SER A 191 1.71 -17.55 0.50
CA SER A 191 1.42 -18.27 -0.75
C SER A 191 -0.02 -18.01 -1.18
N VAL A 192 -0.72 -17.08 -0.53
CA VAL A 192 -2.11 -16.75 -0.91
C VAL A 192 -2.14 -15.36 -1.52
N TYR A 193 -2.82 -15.24 -2.65
CA TYR A 193 -2.83 -14.00 -3.45
C TYR A 193 -4.24 -13.63 -3.83
N PHE A 194 -4.44 -12.34 -4.05
CA PHE A 194 -5.71 -11.80 -4.56
C PHE A 194 -5.51 -11.40 -6.01
N ILE A 195 -6.47 -11.78 -6.87
CA ILE A 195 -6.46 -11.40 -8.29
C ILE A 195 -7.77 -10.65 -8.55
N LYS A 196 -7.67 -9.49 -9.21
CA LYS A 196 -8.81 -8.77 -9.76
C LYS A 196 -8.78 -8.92 -11.25
N PHE A 197 -9.79 -9.57 -11.83
CA PHE A 197 -9.87 -9.77 -13.29
C PHE A 197 -10.49 -8.53 -13.92
N ASP A 198 -10.05 -8.16 -15.11
CA ASP A 198 -10.54 -6.93 -15.76
C ASP A 198 -12.05 -7.05 -16.06
N ASP A 199 -12.60 -8.26 -16.25
CA ASP A 199 -14.00 -8.47 -16.66
C ASP A 199 -14.94 -8.70 -15.47
N ASP A 200 -14.47 -8.57 -14.22
CA ASP A 200 -15.41 -8.78 -13.12
C ASP A 200 -15.02 -7.95 -11.90
N PHE A 201 -15.97 -7.77 -11.00
CA PHE A 201 -15.81 -6.86 -9.85
C PHE A 201 -15.61 -7.60 -8.54
N HIS A 202 -15.50 -8.93 -8.53
CA HIS A 202 -15.13 -9.62 -7.28
C HIS A 202 -13.62 -9.70 -7.16
N ILE A 203 -13.15 -9.94 -5.95
CA ILE A 203 -11.72 -10.19 -5.70
C ILE A 203 -11.55 -11.70 -5.46
N TYR A 204 -10.75 -12.37 -6.29
CA TYR A 204 -10.61 -13.84 -6.25
C TYR A 204 -9.34 -14.22 -5.49
N VAL A 205 -9.42 -15.32 -4.77
CA VAL A 205 -8.32 -15.77 -3.90
C VAL A 205 -7.69 -17.02 -4.51
N TYR A 206 -6.39 -16.99 -4.69
CA TYR A 206 -5.57 -18.06 -5.30
C TYR A 206 -4.46 -18.50 -4.37
N ASP A 207 -4.16 -19.78 -4.42
CA ASP A 207 -2.99 -20.41 -3.79
C ASP A 207 -1.89 -20.52 -4.84
N LEU A 208 -0.67 -20.14 -4.50
CA LEU A 208 0.50 -20.45 -5.35
C LEU A 208 1.02 -21.84 -4.96
N VAL A 209 0.93 -22.77 -5.91
CA VAL A 209 1.16 -24.23 -5.70
C VAL A 209 2.40 -24.61 -6.51
N LYS A 210 3.34 -25.31 -5.87
CA LYS A 210 4.52 -25.89 -6.56
C LYS A 210 4.06 -27.12 -7.33
N THR A 211 4.33 -27.21 -8.64
CA THR A 211 3.92 -28.37 -9.45
C THR A 211 5.14 -29.18 -9.88
N SER A 212 6.35 -28.66 -9.67
CA SER A 212 7.61 -29.34 -10.07
C SER A 212 8.81 -28.50 -9.59
N GLU B 1 -24.02 -17.40 -18.38
CA GLU B 1 -22.98 -16.51 -19.01
C GLU B 1 -22.41 -15.53 -17.96
N THR B 2 -22.61 -15.84 -16.68
CA THR B 2 -22.04 -15.12 -15.51
C THR B 2 -20.52 -15.34 -15.57
N PHE B 3 -19.71 -14.32 -15.31
CA PHE B 3 -18.25 -14.49 -15.24
C PHE B 3 -17.90 -15.72 -14.42
N ALA B 4 -16.89 -16.47 -14.89
CA ALA B 4 -16.32 -17.59 -14.14
C ALA B 4 -14.82 -17.39 -14.08
N ALA B 5 -14.29 -17.28 -12.87
CA ALA B 5 -12.84 -17.13 -12.70
C ALA B 5 -12.16 -18.42 -13.12
N PRO B 6 -10.98 -18.30 -13.74
CA PRO B 6 -10.23 -19.48 -14.17
C PRO B 6 -9.74 -20.26 -12.94
N ALA B 7 -9.86 -21.57 -12.99
CA ALA B 7 -9.40 -22.45 -11.90
C ALA B 7 -7.88 -22.33 -11.70
N GLU B 8 -7.16 -22.07 -12.79
CA GLU B 8 -5.70 -21.91 -12.77
C GLU B 8 -5.28 -20.67 -13.52
N VAL B 9 -4.24 -20.04 -13.02
CA VAL B 9 -3.57 -18.90 -13.70
C VAL B 9 -2.10 -19.27 -13.75
N ARG B 10 -1.51 -19.19 -14.94
CA ARG B 10 -0.12 -19.63 -15.11
C ARG B 10 0.59 -18.82 -16.17
N HIS B 11 0.11 -17.63 -16.49
CA HIS B 11 0.76 -16.73 -17.45
C HIS B 11 0.70 -15.29 -16.97
N PHE B 12 1.80 -14.58 -17.18
CA PHE B 12 1.82 -13.12 -17.11
C PHE B 12 2.06 -12.59 -18.50
N THR B 13 1.54 -11.38 -18.76
CA THR B 13 1.64 -10.77 -20.11
C THR B 13 3.12 -10.62 -20.48
N ASP B 14 4.02 -10.38 -19.53
CA ASP B 14 5.47 -10.19 -19.82
C ASP B 14 6.24 -11.54 -19.90
N GLY B 15 5.54 -12.68 -19.84
CA GLY B 15 6.16 -14.02 -19.96
C GLY B 15 6.91 -14.47 -18.71
N SER B 16 6.80 -13.77 -17.57
CA SER B 16 7.66 -14.00 -16.37
C SER B 16 7.00 -14.94 -15.36
N PHE B 17 5.90 -15.59 -15.68
CA PHE B 17 5.24 -16.45 -14.66
C PHE B 17 6.25 -17.49 -14.17
N PRO B 18 6.43 -17.71 -12.86
CA PRO B 18 7.54 -18.55 -12.40
C PRO B 18 7.38 -20.03 -12.79
N ALA B 19 8.43 -20.57 -13.44
CA ALA B 19 8.51 -22.00 -13.72
C ALA B 19 8.37 -22.83 -12.45
N GLY B 20 7.61 -23.91 -12.53
CA GLY B 20 7.41 -24.88 -11.44
C GLY B 20 6.24 -24.56 -10.53
N PHE B 21 5.45 -23.56 -10.87
CA PHE B 21 4.31 -23.14 -10.03
C PHE B 21 3.08 -22.92 -10.91
N VAL B 22 1.93 -22.85 -10.22
CA VAL B 22 0.65 -22.47 -10.83
C VAL B 22 -0.13 -21.75 -9.72
N LEU B 23 -0.91 -20.74 -10.11
CA LEU B 23 -1.91 -20.18 -9.17
C LEU B 23 -3.21 -20.94 -9.34
N GLN B 24 -3.72 -21.50 -8.22
CA GLN B 24 -4.95 -22.33 -8.22
C GLN B 24 -6.00 -21.56 -7.43
N LEU B 25 -7.17 -21.45 -8.02
CA LEU B 25 -8.31 -20.80 -7.30
C LEU B 25 -8.55 -21.56 -6.00
N PHE B 26 -8.96 -20.85 -4.95
CA PHE B 26 -9.17 -21.52 -3.65
C PHE B 26 -10.21 -22.65 -3.77
N SER B 27 -11.09 -22.68 -4.78
CA SER B 27 -12.08 -23.76 -5.04
C SER B 27 -11.52 -24.92 -5.87
N HIS B 28 -10.24 -24.87 -6.25
CA HIS B 28 -9.62 -25.86 -7.18
C HIS B 28 -9.78 -27.25 -6.56
N THR B 29 -9.98 -28.31 -7.35
CA THR B 29 -10.10 -29.67 -6.74
C THR B 29 -8.77 -29.94 -6.03
N GLN B 30 -8.80 -30.60 -4.86
CA GLN B 30 -7.70 -30.55 -3.84
C GLN B 30 -7.05 -31.92 -3.72
N ARG C 1 1.69 1.87 -19.91
CA ARG C 1 2.71 1.00 -19.25
C ARG C 1 2.82 1.42 -17.78
N ASN C 2 2.75 0.47 -16.84
CA ASN C 2 3.20 0.71 -15.43
C ASN C 2 4.73 0.89 -15.42
N ILE C 3 5.25 1.96 -14.83
CA ILE C 3 6.72 2.19 -14.81
C ILE C 3 7.31 1.86 -13.43
N VAL C 4 6.50 1.56 -12.44
CA VAL C 4 7.05 1.18 -11.12
C VAL C 4 7.90 -0.08 -11.26
N GLY C 5 9.08 -0.06 -10.68
CA GLY C 5 10.04 -1.16 -10.70
C GLY C 5 10.87 -1.16 -11.95
N CYS C 6 10.65 -0.22 -12.85
CA CYS C 6 11.46 -0.09 -14.08
C CYS C 6 12.63 0.87 -13.89
N ARG C 7 13.66 0.67 -14.68
CA ARG C 7 14.73 1.65 -14.89
C ARG C 7 14.25 2.60 -16.00
N ILE C 8 14.53 3.86 -15.83
CA ILE C 8 14.12 4.93 -16.76
C ILE C 8 15.29 5.83 -17.09
N GLN C 9 15.20 6.50 -18.23
CA GLN C 9 16.13 7.56 -18.58
C GLN C 9 15.29 8.75 -19.09
N HIS C 10 15.67 9.93 -18.69
CA HIS C 10 15.01 11.13 -19.23
C HIS C 10 15.98 12.31 -19.23
N GLY C 11 15.58 13.33 -19.99
CA GLY C 11 16.23 14.63 -19.91
C GLY C 11 15.70 15.48 -18.80
N TRP C 12 16.54 16.35 -18.28
CA TRP C 12 16.17 17.31 -17.24
C TRP C 12 16.70 18.68 -17.61
N LYS C 13 15.92 19.72 -17.39
CA LYS C 13 16.44 21.08 -17.58
C LYS C 13 16.37 21.84 -16.29
N GLU C 14 17.54 22.15 -15.72
CA GLU C 14 17.64 23.02 -14.52
C GLU C 14 17.72 24.48 -14.95
N GLY C 15 16.76 25.31 -14.55
CA GLY C 15 16.77 26.75 -14.88
C GLY C 15 16.90 26.93 -16.39
N ASN C 16 17.85 27.77 -16.84
CA ASN C 16 18.06 28.02 -18.29
C ASN C 16 19.35 27.32 -18.74
N GLY C 17 19.72 26.24 -18.05
CA GLY C 17 20.89 25.40 -18.37
C GLY C 17 20.62 24.38 -19.49
N PRO C 18 21.64 23.61 -19.90
CA PRO C 18 21.45 22.60 -20.94
C PRO C 18 20.55 21.48 -20.46
N VAL C 19 19.95 20.79 -21.40
CA VAL C 19 19.20 19.56 -21.09
C VAL C 19 20.25 18.51 -20.74
N THR C 20 20.12 17.92 -19.56
CA THR C 20 21.03 16.85 -19.05
C THR C 20 20.28 15.53 -19.01
N GLN C 21 21.00 14.42 -19.20
CA GLN C 21 20.42 13.07 -19.28
C GLN C 21 20.61 12.38 -17.93
N TRP C 22 19.54 11.77 -17.41
CA TRP C 22 19.58 11.06 -16.12
C TRP C 22 18.97 9.68 -16.20
N LYS C 23 19.56 8.75 -15.46
CA LYS C 23 19.06 7.38 -15.36
C LYS C 23 18.65 7.13 -13.89
N GLY C 24 17.56 6.43 -13.74
CA GLY C 24 17.13 6.04 -12.37
C GLY C 24 16.20 4.88 -12.35
N THR C 25 15.75 4.58 -11.14
CA THR C 25 14.87 3.46 -10.86
C THR C 25 13.59 3.98 -10.19
N VAL C 26 12.47 3.65 -10.78
CA VAL C 26 11.15 4.07 -10.26
C VAL C 26 10.76 3.14 -9.10
N LEU C 27 10.66 3.73 -7.91
CA LEU C 27 10.45 2.98 -6.65
C LEU C 27 8.97 2.81 -6.36
N ASP C 28 8.17 3.82 -6.69
CA ASP C 28 6.78 3.90 -6.18
C ASP C 28 5.98 4.86 -7.04
N GLN C 29 4.68 4.61 -7.06
CA GLN C 29 3.66 5.49 -7.61
C GLN C 29 2.75 5.80 -6.44
N VAL C 30 2.69 7.07 -6.03
CA VAL C 30 2.02 7.43 -4.77
C VAL C 30 0.51 7.25 -4.91
N PRO C 31 -0.17 6.39 -4.13
CA PRO C 31 -1.59 6.17 -4.35
C PRO C 31 -2.47 7.43 -4.25
N VAL C 32 -2.14 8.32 -3.33
CA VAL C 32 -2.97 9.53 -3.10
C VAL C 32 -2.63 10.60 -4.14
N ASN C 33 -1.63 10.42 -4.98
CA ASN C 33 -1.42 11.28 -6.18
C ASN C 33 -0.69 10.47 -7.24
N PRO C 34 -1.44 9.68 -8.04
CA PRO C 34 -0.82 8.72 -8.93
C PRO C 34 -0.03 9.35 -10.07
N SER C 35 -0.02 10.69 -10.20
CA SER C 35 0.93 11.38 -11.09
C SER C 35 2.33 11.44 -10.48
N LEU C 36 2.44 11.24 -9.18
CA LEU C 36 3.71 11.42 -8.43
C LEU C 36 4.40 10.08 -8.30
N TYR C 37 5.63 10.03 -8.78
CA TYR C 37 6.53 8.87 -8.66
C TYR C 37 7.68 9.19 -7.75
N LEU C 38 8.17 8.17 -7.05
CA LEU C 38 9.39 8.24 -6.24
C LEU C 38 10.49 7.53 -7.02
N ILE C 39 11.59 8.20 -7.16
CA ILE C 39 12.71 7.76 -8.04
C ILE C 39 14.03 7.81 -7.28
N LYS C 40 14.85 6.78 -7.44
CA LYS C 40 16.26 6.84 -7.04
C LYS C 40 17.08 7.01 -8.32
N TYR C 41 17.81 8.09 -8.40
CA TYR C 41 18.70 8.36 -9.56
C TYR C 41 20.02 7.65 -9.32
N ASP C 42 20.58 7.09 -10.39
CA ASP C 42 21.90 6.44 -10.31
C ASP C 42 22.91 7.43 -9.75
N GLY C 43 23.67 6.97 -8.80
CA GLY C 43 24.81 7.68 -8.25
C GLY C 43 24.45 8.57 -7.09
N PHE C 44 23.15 8.78 -6.82
CA PHE C 44 22.72 9.72 -5.76
C PHE C 44 21.76 9.05 -4.77
N ASP C 45 21.84 9.47 -3.50
CA ASP C 45 21.21 8.66 -2.43
C ASP C 45 19.85 9.23 -2.00
N CYS C 46 19.51 10.45 -2.40
CA CYS C 46 18.23 11.08 -2.05
C CYS C 46 17.05 10.48 -2.85
N VAL C 47 15.87 10.30 -2.26
CA VAL C 47 14.66 9.91 -3.03
C VAL C 47 14.00 11.14 -3.62
N TYR C 48 13.75 11.13 -4.91
CA TYR C 48 13.13 12.28 -5.60
C TYR C 48 11.67 11.96 -5.83
N GLY C 49 10.81 12.97 -5.62
CA GLY C 49 9.41 12.88 -5.98
C GLY C 49 9.12 13.79 -7.16
N LEU C 50 8.77 13.17 -8.28
CA LEU C 50 8.52 13.94 -9.53
C LEU C 50 7.23 13.44 -10.17
N GLU C 51 6.44 14.40 -10.65
CA GLU C 51 5.30 14.08 -11.52
C GLU C 51 5.86 13.90 -12.94
N LEU C 52 6.36 12.72 -13.23
CA LEU C 52 7.25 12.48 -14.38
C LEU C 52 6.52 12.84 -15.68
N ASN C 53 5.21 12.63 -15.75
CA ASN C 53 4.48 12.90 -17.04
C ASN C 53 3.93 14.33 -17.07
N LYS C 54 4.04 15.13 -16.02
CA LYS C 54 3.48 16.50 -15.94
C LYS C 54 4.57 17.57 -15.83
N ASP C 55 5.71 17.25 -15.23
CA ASP C 55 6.74 18.24 -14.86
C ASP C 55 7.37 18.79 -16.15
N GLU C 56 7.33 20.11 -16.28
CA GLU C 56 7.81 20.78 -17.51
C GLU C 56 9.32 20.60 -17.63
N ARG C 57 10.06 20.17 -16.58
CA ARG C 57 11.54 20.04 -16.63
C ARG C 57 11.92 18.65 -17.17
N VAL C 58 10.97 17.72 -17.30
CA VAL C 58 11.23 16.33 -17.70
C VAL C 58 10.95 16.18 -19.19
N SER C 59 11.88 15.62 -19.97
CA SER C 59 11.66 15.35 -21.40
C SER C 59 12.21 13.98 -21.80
N ALA C 60 11.73 13.44 -22.90
CA ALA C 60 12.32 12.25 -23.55
C ALA C 60 12.35 11.08 -22.56
N LEU C 61 11.32 10.92 -21.76
CA LEU C 61 11.27 9.81 -20.77
C LEU C 61 11.19 8.49 -21.54
N GLU C 62 12.06 7.54 -21.23
CA GLU C 62 11.98 6.19 -21.81
C GLU C 62 12.20 5.15 -20.71
N VAL C 63 11.53 4.01 -20.83
CA VAL C 63 11.80 2.82 -19.97
C VAL C 63 12.99 2.07 -20.57
N LEU C 64 14.01 1.79 -19.77
CA LEU C 64 15.22 1.05 -20.17
C LEU C 64 14.93 -0.44 -20.10
N PRO C 65 15.60 -1.26 -20.95
CA PRO C 65 15.30 -2.69 -20.97
C PRO C 65 15.91 -3.41 -19.74
N ASP C 66 16.99 -2.85 -19.18
CA ASP C 66 17.80 -3.49 -18.10
C ASP C 66 16.94 -3.68 -16.85
N ARG C 67 17.05 -4.85 -16.24
CA ARG C 67 16.33 -5.26 -15.01
C ARG C 67 17.00 -4.64 -13.77
N VAL C 68 16.19 -4.25 -12.80
CA VAL C 68 16.71 -3.86 -11.45
C VAL C 68 17.38 -5.10 -10.83
N ALA C 69 18.58 -4.92 -10.29
CA ALA C 69 19.35 -5.97 -9.57
C ALA C 69 18.55 -6.44 -8.35
N THR C 70 18.56 -7.75 -8.09
CA THR C 70 17.94 -8.37 -6.89
C THR C 70 19.01 -9.23 -6.21
N SER C 71 19.54 -8.79 -5.07
CA SER C 71 20.52 -9.56 -4.27
C SER C 71 19.83 -10.02 -2.98
N ARG C 72 20.21 -11.19 -2.46
CA ARG C 72 19.62 -11.73 -1.20
C ARG C 72 20.13 -10.84 -0.06
N ILE C 73 19.23 -10.41 0.82
CA ILE C 73 19.59 -9.68 2.06
C ILE C 73 20.50 -10.62 2.90
N SER C 74 21.68 -10.14 3.34
CA SER C 74 22.73 -10.97 4.00
C SER C 74 22.27 -11.45 5.39
N ASP C 75 21.63 -10.59 6.17
CA ASP C 75 21.14 -10.87 7.55
C ASP C 75 19.72 -10.29 7.67
N ALA C 76 18.69 -11.11 7.42
CA ALA C 76 17.27 -10.67 7.40
C ALA C 76 16.86 -10.18 8.78
N HIS C 77 17.31 -10.85 9.85
CA HIS C 77 16.93 -10.40 11.22
C HIS C 77 17.49 -9.00 11.50
N LEU C 78 18.69 -8.73 11.03
CA LEU C 78 19.37 -7.42 11.26
C LEU C 78 18.53 -6.36 10.55
N ALA C 79 18.12 -6.67 9.34
CA ALA C 79 17.32 -5.71 8.54
C ALA C 79 16.08 -5.36 9.35
N ASP C 80 15.41 -6.40 9.89
CA ASP C 80 14.18 -6.21 10.68
C ASP C 80 14.49 -5.41 11.94
N THR C 81 15.63 -5.67 12.58
CA THR C 81 16.07 -5.00 13.83
C THR C 81 16.24 -3.50 13.63
N MET C 82 16.78 -3.07 12.49
CA MET C 82 17.10 -1.62 12.35
C MET C 82 15.84 -0.84 11.98
N ILE C 83 14.80 -1.48 11.46
CA ILE C 83 13.62 -0.72 10.97
C ILE C 83 12.90 -0.07 12.14
N GLY C 84 12.69 1.24 12.05
CA GLY C 84 12.02 2.04 13.09
C GLY C 84 12.97 2.56 14.15
N LYS C 85 14.25 2.21 14.11
CA LYS C 85 15.17 2.60 15.15
C LYS C 85 15.87 3.91 14.86
N ALA C 86 16.15 4.66 15.90
CA ALA C 86 17.13 5.74 15.83
C ALA C 86 18.49 5.14 15.56
N VAL C 87 19.28 5.85 14.81
CA VAL C 87 20.67 5.45 14.49
C VAL C 87 21.63 6.63 14.54
N GLU C 88 22.91 6.31 14.65
CA GLU C 88 24.03 7.21 14.35
C GLU C 88 24.74 6.63 13.14
N HIS C 89 24.68 7.36 12.03
CA HIS C 89 25.19 6.90 10.72
C HIS C 89 26.47 7.63 10.41
N MET C 90 27.59 6.90 10.34
CA MET C 90 28.91 7.52 10.16
C MET C 90 29.20 7.72 8.67
N PHE C 91 29.52 8.94 8.31
CA PHE C 91 30.06 9.36 7.01
C PHE C 91 31.51 9.83 7.26
N GLU C 92 32.23 10.08 6.19
CA GLU C 92 33.57 10.70 6.28
C GLU C 92 33.60 11.93 5.36
N THR C 93 34.44 12.90 5.73
CA THR C 93 34.60 14.21 5.06
C THR C 93 35.89 14.20 4.21
N GLU C 94 36.10 15.30 3.48
CA GLU C 94 37.23 15.44 2.52
C GLU C 94 38.58 15.29 3.26
N ASP C 95 38.69 15.62 4.55
CA ASP C 95 40.01 15.49 5.24
C ASP C 95 40.10 14.14 5.95
N GLY C 96 39.17 13.23 5.65
CA GLY C 96 39.14 11.85 6.19
C GLY C 96 38.48 11.77 7.55
N SER C 97 38.04 12.90 8.12
CA SER C 97 37.44 12.97 9.47
C SER C 97 36.11 12.23 9.42
N LYS C 98 35.69 11.73 10.56
CA LYS C 98 34.43 10.97 10.67
C LYS C 98 33.33 11.96 11.04
N ASP C 99 32.17 11.85 10.39
CA ASP C 99 31.07 12.80 10.64
C ASP C 99 29.80 12.00 10.86
N GLU C 100 29.41 11.91 12.13
CA GLU C 100 28.28 11.08 12.53
C GLU C 100 27.00 11.92 12.31
N TRP C 101 26.02 11.33 11.65
CA TRP C 101 24.69 11.95 11.47
C TRP C 101 23.66 11.13 12.25
N ARG C 102 22.93 11.79 13.12
CA ARG C 102 21.80 11.15 13.83
C ARG C 102 20.60 11.04 12.89
N GLY C 103 19.94 9.89 12.87
CA GLY C 103 18.76 9.71 12.02
C GLY C 103 17.89 8.59 12.48
N MET C 104 17.07 8.10 11.59
CA MET C 104 16.11 7.03 11.90
C MET C 104 15.94 6.23 10.62
N VAL C 105 16.03 4.91 10.75
CA VAL C 105 15.72 3.97 9.67
C VAL C 105 14.22 3.75 9.62
N LEU C 106 13.61 4.01 8.49
CA LEU C 106 12.12 4.09 8.40
C LEU C 106 11.49 2.79 7.88
N ALA C 107 12.12 2.16 6.90
CA ALA C 107 11.54 1.01 6.17
C ALA C 107 12.56 0.43 5.22
N ARG C 108 12.32 -0.79 4.78
CA ARG C 108 12.96 -1.30 3.54
C ARG C 108 12.40 -0.47 2.38
N ALA C 109 13.28 -0.06 1.49
CA ALA C 109 12.83 0.57 0.24
C ALA C 109 12.08 -0.46 -0.59
N PRO C 110 11.06 -0.01 -1.31
CA PRO C 110 10.46 -0.81 -2.37
C PRO C 110 11.45 -0.96 -3.54
N VAL C 111 11.23 -2.03 -4.33
CA VAL C 111 11.88 -2.33 -5.64
C VAL C 111 13.34 -2.72 -5.47
N MET C 112 14.12 -1.91 -4.77
CA MET C 112 15.57 -2.10 -4.55
C MET C 112 15.78 -2.75 -3.17
N ASN C 113 15.84 -4.09 -3.15
CA ASN C 113 15.58 -4.93 -1.95
C ASN C 113 16.66 -4.82 -0.86
N THR C 114 17.87 -4.39 -1.14
CA THR C 114 18.94 -4.30 -0.14
C THR C 114 19.02 -2.84 0.39
N TRP C 115 18.17 -1.94 -0.11
CA TRP C 115 18.23 -0.52 0.30
C TRP C 115 17.18 -0.26 1.39
N PHE C 116 17.48 0.73 2.22
CA PHE C 116 16.64 1.16 3.34
C PHE C 116 16.36 2.65 3.20
N TYR C 117 15.11 3.01 3.50
CA TYR C 117 14.73 4.42 3.69
C TYR C 117 15.23 4.88 5.05
N ILE C 118 15.85 6.05 5.06
CA ILE C 118 16.42 6.66 6.27
C ILE C 118 16.28 8.19 6.13
N THR C 119 16.12 8.87 7.25
CA THR C 119 16.15 10.35 7.30
C THR C 119 16.99 10.78 8.49
N TYR C 120 17.30 12.06 8.57
CA TYR C 120 18.29 12.60 9.50
C TYR C 120 17.73 13.81 10.24
N GLU C 121 18.07 13.89 11.50
CA GLU C 121 17.66 15.00 12.36
C GLU C 121 18.13 16.31 11.72
N LYS C 122 19.31 16.35 11.08
CA LYS C 122 19.84 17.58 10.53
C LYS C 122 19.70 17.62 8.99
N ASP C 123 18.94 16.68 8.42
CA ASP C 123 18.60 16.73 6.98
C ASP C 123 17.37 15.86 6.79
N PRO C 124 16.19 16.47 7.01
CA PRO C 124 14.94 15.75 7.22
C PRO C 124 14.21 15.35 5.93
N VAL C 125 14.98 14.86 4.98
CA VAL C 125 14.45 14.35 3.69
C VAL C 125 14.76 12.87 3.58
N LEU C 126 14.07 12.23 2.66
CA LEU C 126 14.15 10.79 2.49
C LEU C 126 15.41 10.45 1.70
N TYR C 127 16.22 9.58 2.28
CA TYR C 127 17.41 9.00 1.64
C TYR C 127 17.26 7.48 1.60
N MET C 128 18.07 6.84 0.78
CA MET C 128 18.12 5.36 0.81
C MET C 128 19.58 4.92 0.65
N TYR C 129 19.93 3.94 1.46
CA TYR C 129 21.28 3.32 1.45
C TYR C 129 21.20 1.84 1.75
N GLN C 130 22.23 1.12 1.31
CA GLN C 130 22.39 -0.31 1.63
C GLN C 130 23.01 -0.42 3.04
N LEU C 131 22.22 -0.13 4.08
CA LEU C 131 22.72 0.07 5.44
C LEU C 131 23.31 -1.23 6.03
N LEU C 132 22.98 -2.41 5.53
CA LEU C 132 23.66 -3.62 6.12
C LEU C 132 25.15 -3.50 5.84
N ASP C 133 25.55 -2.91 4.72
CA ASP C 133 26.98 -2.71 4.45
C ASP C 133 27.58 -1.73 5.45
N ASP C 134 26.93 -0.58 5.64
CA ASP C 134 27.44 0.37 6.63
C ASP C 134 27.56 -0.34 8.00
N TYR C 135 26.55 -1.12 8.35
CA TYR C 135 26.51 -1.76 9.68
C TYR C 135 27.71 -2.71 9.84
N LYS C 136 27.91 -3.58 8.86
CA LYS C 136 29.00 -4.59 8.99
C LYS C 136 30.36 -3.89 9.00
N GLU C 137 30.50 -2.71 8.39
CA GLU C 137 31.75 -1.92 8.36
C GLU C 137 31.96 -1.13 9.66
N GLY C 138 30.98 -1.10 10.55
CA GLY C 138 31.08 -0.46 11.88
C GLY C 138 30.63 0.99 11.84
N ASP C 139 29.92 1.38 10.78
CA ASP C 139 29.55 2.80 10.52
C ASP C 139 28.06 3.04 10.78
N LEU C 140 27.37 2.14 11.48
CA LEU C 140 25.95 2.33 11.82
C LEU C 140 25.72 1.81 13.23
N ARG C 141 25.39 2.72 14.14
CA ARG C 141 24.97 2.38 15.51
C ARG C 141 23.45 2.40 15.60
N ILE C 142 22.86 1.30 16.05
CA ILE C 142 21.38 1.19 16.23
C ILE C 142 21.11 1.48 17.70
N MET C 143 20.27 2.47 17.98
CA MET C 143 19.99 2.91 19.36
C MET C 143 18.78 2.14 19.84
N PRO C 144 18.68 1.79 21.13
CA PRO C 144 17.44 1.22 21.65
C PRO C 144 16.33 2.28 21.74
N ASP C 145 15.05 1.87 21.66
CA ASP C 145 13.88 2.74 21.92
C ASP C 145 13.90 3.19 23.39
N SER C 146 13.29 4.34 23.71
CA SER C 146 13.24 4.91 25.07
C SER C 146 12.30 4.10 25.96
N GLU C 153 -0.46 2.47 20.54
CA GLU C 153 -1.93 2.46 20.85
C GLU C 153 -2.37 3.84 21.36
N ARG C 154 -1.52 4.53 22.15
CA ARG C 154 -1.64 5.97 22.51
C ARG C 154 -0.74 6.80 21.59
N GLU C 155 -0.04 6.17 20.64
CA GLU C 155 0.76 6.83 19.59
C GLU C 155 -0.11 7.89 18.90
N PRO C 156 0.34 9.16 18.73
CA PRO C 156 -0.43 10.13 17.95
C PRO C 156 -0.96 9.56 16.64
N GLY C 157 -0.11 8.86 15.87
CA GLY C 157 -0.54 8.34 14.55
C GLY C 157 -1.59 7.23 14.64
N GLU C 158 -1.83 6.67 15.83
CA GLU C 158 -2.90 5.67 16.08
C GLU C 158 -4.20 6.34 16.52
N VAL C 159 -4.14 7.51 17.15
CA VAL C 159 -5.34 8.18 17.76
C VAL C 159 -6.08 8.99 16.70
N VAL C 160 -5.36 9.73 15.84
CA VAL C 160 -5.98 10.66 14.87
C VAL C 160 -6.59 9.88 13.70
N ASP C 161 -7.58 10.51 13.07
CA ASP C 161 -8.12 10.05 11.76
C ASP C 161 -6.97 10.10 10.77
N SER C 162 -6.97 9.25 9.75
CA SER C 162 -5.81 9.12 8.84
C SER C 162 -5.45 10.46 8.22
N LEU C 163 -4.15 10.79 8.26
CA LEU C 163 -3.68 12.04 7.63
C LEU C 163 -3.32 11.82 6.17
N VAL C 164 -3.20 10.57 5.72
CA VAL C 164 -2.64 10.29 4.38
C VAL C 164 -3.65 10.73 3.33
N GLY C 165 -3.19 11.49 2.34
CA GLY C 165 -4.02 12.06 1.28
C GLY C 165 -4.59 13.41 1.64
N LYS C 166 -4.35 13.92 2.85
CA LYS C 166 -4.72 15.30 3.19
C LYS C 166 -3.79 16.30 2.51
N GLN C 167 -4.34 17.40 2.03
CA GLN C 167 -3.57 18.50 1.46
C GLN C 167 -3.18 19.47 2.57
N VAL C 168 -1.88 19.63 2.77
CA VAL C 168 -1.39 20.55 3.81
C VAL C 168 -1.33 21.97 3.22
N GLU C 169 -1.50 22.93 4.11
CA GLU C 169 -1.31 24.38 3.82
C GLU C 169 -0.36 24.96 4.86
N TYR C 170 0.50 25.88 4.43
CA TYR C 170 1.38 26.62 5.35
C TYR C 170 1.66 27.97 4.73
N ALA C 171 2.03 28.91 5.60
CA ALA C 171 2.36 30.30 5.21
C ALA C 171 3.87 30.46 5.16
N LYS C 172 4.37 31.09 4.11
CA LYS C 172 5.81 31.52 4.05
C LYS C 172 6.02 32.70 5.02
N GLU C 173 7.27 33.12 5.27
CA GLU C 173 7.58 34.35 6.06
C GLU C 173 6.85 35.55 5.43
N ASP C 174 6.72 35.58 4.10
CA ASP C 174 6.05 36.66 3.33
C ASP C 174 4.52 36.56 3.44
N GLY C 175 4.00 35.47 4.02
CA GLY C 175 2.56 35.33 4.33
C GLY C 175 1.73 34.65 3.24
N SER C 176 2.27 34.43 2.03
CA SER C 176 1.53 33.71 0.96
C SER C 176 1.38 32.24 1.38
N LYS C 177 0.35 31.59 0.85
CA LYS C 177 -0.04 30.20 1.19
C LYS C 177 0.66 29.26 0.20
N ARG C 178 1.23 28.18 0.70
CA ARG C 178 1.74 27.09 -0.18
C ARG C 178 1.11 25.77 0.26
N THR C 179 1.15 24.78 -0.63
CA THR C 179 0.47 23.51 -0.38
C THR C 179 1.41 22.31 -0.57
N GLY C 180 0.94 21.20 -0.08
CA GLY C 180 1.63 19.91 -0.21
C GLY C 180 0.68 18.82 0.15
N MET C 181 1.17 17.58 0.19
CA MET C 181 0.31 16.42 0.43
C MET C 181 1.03 15.48 1.40
N VAL C 182 0.28 14.94 2.37
CA VAL C 182 0.73 13.84 3.23
C VAL C 182 0.63 12.60 2.36
N ILE C 183 1.77 12.03 1.97
CA ILE C 183 1.77 10.93 0.98
C ILE C 183 1.93 9.56 1.62
N HIS C 184 2.34 9.45 2.88
CA HIS C 184 2.68 8.15 3.48
C HIS C 184 2.73 8.26 4.98
N GLN C 185 2.29 7.20 5.66
CA GLN C 185 2.44 6.97 7.10
C GLN C 185 3.36 5.77 7.30
N VAL C 186 4.41 5.93 8.07
CA VAL C 186 5.43 4.88 8.26
C VAL C 186 4.85 3.71 9.06
N GLU C 187 4.88 2.50 8.50
CA GLU C 187 4.28 1.31 9.17
C GLU C 187 4.94 1.09 10.53
N ALA C 188 6.27 1.14 10.62
CA ALA C 188 7.04 0.78 11.81
C ALA C 188 6.98 1.87 12.87
N LYS C 189 6.62 3.09 12.45
CA LYS C 189 6.67 4.31 13.29
C LYS C 189 5.44 5.12 12.94
N PRO C 190 4.25 4.74 13.42
CA PRO C 190 3.02 5.34 12.92
C PRO C 190 2.80 6.83 13.16
N SER C 191 3.63 7.46 13.96
CA SER C 191 3.54 8.93 14.17
C SER C 191 4.49 9.62 13.21
N VAL C 192 5.13 8.89 12.30
CA VAL C 192 6.03 9.53 11.32
C VAL C 192 5.38 9.48 9.95
N TYR C 193 5.44 10.62 9.25
CA TYR C 193 4.74 10.85 7.98
C TYR C 193 5.69 11.43 6.95
N PHE C 194 5.40 11.18 5.69
CA PHE C 194 6.11 11.80 4.55
C PHE C 194 5.21 12.86 3.92
N ILE C 195 5.74 14.06 3.69
CA ILE C 195 5.04 15.13 2.97
C ILE C 195 5.83 15.43 1.69
N LYS C 196 5.12 15.54 0.58
CA LYS C 196 5.66 16.06 -0.67
C LYS C 196 5.02 17.42 -0.91
N PHE C 197 5.84 18.47 -0.90
CA PHE C 197 5.38 19.83 -1.14
C PHE C 197 5.26 20.09 -2.63
N ASP C 198 4.21 20.81 -3.02
CA ASP C 198 3.98 21.07 -4.47
C ASP C 198 5.20 21.80 -5.07
N ASP C 199 5.96 22.58 -4.31
CA ASP C 199 7.06 23.43 -4.80
C ASP C 199 8.44 22.79 -4.69
N ASP C 200 8.55 21.48 -4.38
CA ASP C 200 9.89 20.90 -4.28
C ASP C 200 9.84 19.40 -4.57
N PHE C 201 10.98 18.85 -4.94
CA PHE C 201 11.07 17.45 -5.38
C PHE C 201 11.71 16.55 -4.30
N HIS C 202 11.99 17.03 -3.10
CA HIS C 202 12.39 16.09 -1.99
C HIS C 202 11.16 15.58 -1.27
N ILE C 203 11.35 14.49 -0.55
CA ILE C 203 10.30 13.93 0.35
C ILE C 203 10.69 14.27 1.77
N TYR C 204 9.86 15.03 2.48
CA TYR C 204 10.16 15.52 3.84
C TYR C 204 9.54 14.64 4.88
N VAL C 205 10.24 14.48 5.99
CA VAL C 205 9.81 13.56 7.06
C VAL C 205 9.39 14.39 8.27
N TYR C 206 8.18 14.14 8.75
CA TYR C 206 7.55 14.86 9.89
C TYR C 206 7.13 13.89 10.97
N ASP C 207 7.22 14.36 12.22
CA ASP C 207 6.71 13.66 13.41
C ASP C 207 5.38 14.30 13.82
N LEU C 208 4.35 13.50 14.05
CA LEU C 208 3.06 14.00 14.62
C LEU C 208 3.25 14.00 16.16
N VAL C 209 3.25 15.20 16.75
CA VAL C 209 3.57 15.46 18.17
C VAL C 209 2.30 15.97 18.84
N LYS C 210 2.01 15.43 20.02
CA LYS C 210 0.89 15.92 20.86
C LYS C 210 1.35 17.16 21.60
N THR C 211 0.61 18.25 21.50
CA THR C 211 0.96 19.53 22.14
C THR C 211 -0.03 19.84 23.26
N SER C 212 -1.15 19.16 23.33
CA SER C 212 -2.12 19.36 24.43
C SER C 212 -3.13 18.22 24.45
N THR D 2 15.58 29.36 -2.74
CA THR D 2 15.90 27.90 -2.49
C THR D 2 14.87 27.35 -1.50
N PHE D 3 14.07 26.38 -1.92
CA PHE D 3 12.89 25.93 -1.13
C PHE D 3 13.32 25.67 0.30
N ALA D 4 12.45 26.06 1.23
CA ALA D 4 12.59 25.80 2.67
C ALA D 4 11.32 25.13 3.18
N ALA D 5 11.41 23.88 3.61
CA ALA D 5 10.26 23.18 4.21
C ALA D 5 9.92 23.82 5.53
N PRO D 6 8.61 23.94 5.84
CA PRO D 6 8.22 24.50 7.13
C PRO D 6 8.58 23.59 8.28
N ALA D 7 9.05 24.18 9.38
CA ALA D 7 9.36 23.47 10.63
C ALA D 7 8.11 22.76 11.21
N GLU D 8 6.97 23.36 10.99
CA GLU D 8 5.67 22.88 11.51
C GLU D 8 4.63 22.92 10.43
N VAL D 9 3.81 21.89 10.39
CA VAL D 9 2.58 21.83 9.57
C VAL D 9 1.42 21.60 10.51
N ARG D 10 0.40 22.42 10.42
CA ARG D 10 -0.73 22.35 11.37
C ARG D 10 -2.04 22.71 10.70
N HIS D 11 -2.13 22.67 9.38
CA HIS D 11 -3.33 22.98 8.61
C HIS D 11 -3.50 22.01 7.46
N PHE D 12 -4.72 21.59 7.27
CA PHE D 12 -5.17 20.96 6.01
C PHE D 12 -6.17 21.90 5.34
N THR D 13 -6.24 21.82 4.02
CA THR D 13 -7.11 22.72 3.22
C THR D 13 -8.57 22.49 3.63
N ASP D 14 -8.95 21.31 4.08
CA ASP D 14 -10.37 21.06 4.50
C ASP D 14 -10.61 21.44 5.99
N GLY D 15 -9.64 22.05 6.67
CA GLY D 15 -9.76 22.53 8.06
C GLY D 15 -9.77 21.40 9.10
N SER D 16 -9.43 20.16 8.73
CA SER D 16 -9.55 18.97 9.59
C SER D 16 -8.27 18.61 10.36
N PHE D 17 -7.25 19.45 10.35
CA PHE D 17 -6.00 19.07 11.06
C PHE D 17 -6.36 18.76 12.51
N PRO D 18 -5.89 17.65 13.09
CA PRO D 18 -6.37 17.23 14.41
C PRO D 18 -5.96 18.15 15.56
N ALA D 19 -6.98 18.57 16.32
CA ALA D 19 -6.77 19.36 17.53
C ALA D 19 -5.83 18.61 18.50
N GLY D 20 -4.89 19.33 19.09
CA GLY D 20 -3.97 18.79 20.10
C GLY D 20 -2.66 18.31 19.55
N PHE D 21 -2.44 18.45 18.24
CA PHE D 21 -1.24 17.92 17.58
C PHE D 21 -0.63 18.96 16.65
N VAL D 22 0.60 18.68 16.25
CA VAL D 22 1.33 19.43 15.21
C VAL D 22 2.23 18.44 14.50
N LEU D 23 2.43 18.64 13.20
CA LEU D 23 3.49 17.90 12.48
C LEU D 23 4.75 18.75 12.57
N GLN D 24 5.82 18.11 13.05
CA GLN D 24 7.12 18.78 13.23
C GLN D 24 8.10 18.14 12.22
N LEU D 25 8.78 19.00 11.49
CA LEU D 25 9.85 18.49 10.61
C LEU D 25 10.87 17.76 11.47
N PHE D 26 11.52 16.74 10.90
CA PHE D 26 12.48 15.96 11.68
C PHE D 26 13.62 16.82 12.21
N SER D 27 13.90 17.99 11.64
CA SER D 27 14.93 18.93 12.14
C SER D 27 14.45 19.88 13.24
N HIS D 28 13.18 19.79 13.61
CA HIS D 28 12.57 20.68 14.63
C HIS D 28 13.36 20.62 15.93
N THR D 29 13.48 21.72 16.65
CA THR D 29 14.13 21.70 18.00
C THR D 29 13.37 20.71 18.88
N GLN D 30 14.01 20.18 19.94
CA GLN D 30 13.35 19.27 20.93
C GLN D 30 13.70 19.74 22.36
N ALA E 1 -25.65 -18.45 12.03
CA ALA E 1 -26.85 -17.60 12.05
C ALA E 1 -26.76 -16.35 11.16
N ARG E 2 -25.63 -15.84 10.62
CA ARG E 2 -25.76 -15.03 9.37
C ARG E 2 -26.40 -15.91 8.28
N THR E 3 -26.88 -15.30 7.19
CA THR E 3 -27.38 -16.00 6.00
C THR E 3 -26.59 -15.54 4.79
N GLN E 5 -27.99 -14.67 2.11
CA GLN E 5 -28.78 -13.71 1.38
C GLN E 5 -28.15 -12.32 1.38
N THR E 6 -27.27 -12.01 2.32
CA THR E 6 -26.55 -10.73 2.40
C THR E 6 -25.14 -10.83 1.82
N ALA E 7 -24.75 -11.96 1.24
CA ALA E 7 -23.37 -12.15 0.76
C ALA E 7 -23.08 -11.18 -0.39
N ARG E 8 -23.93 -11.18 -1.42
CA ARG E 8 -23.70 -10.36 -2.63
C ARG E 8 -24.94 -9.55 -2.98
N SER E 10 -27.89 -8.15 -5.17
CA SER E 10 -28.87 -8.98 -5.83
C SER E 10 -28.53 -9.16 -7.31
N THR E 11 -28.21 -8.07 -8.01
CA THR E 11 -27.79 -8.05 -9.44
C THR E 11 -26.41 -8.72 -9.58
N ALA F 1 34.08 4.86 5.25
CA ALA F 1 32.62 5.21 5.40
C ALA F 1 32.16 5.92 4.13
N ARG F 2 30.85 6.03 3.93
CA ARG F 2 30.31 6.77 2.77
C ARG F 2 30.61 8.27 2.94
N THR F 3 30.41 9.04 1.86
CA THR F 3 30.56 10.51 1.83
C THR F 3 29.21 11.15 1.49
N GLN F 5 28.97 13.54 -0.52
CA GLN F 5 29.11 14.06 -1.88
C GLN F 5 28.09 13.41 -2.83
N THR F 6 27.61 12.21 -2.55
CA THR F 6 26.67 11.45 -3.40
C THR F 6 25.23 11.61 -2.91
N ALA F 7 24.99 12.42 -1.87
CA ALA F 7 23.67 12.51 -1.21
C ALA F 7 22.61 13.02 -2.21
N ARG F 8 22.89 14.14 -2.86
CA ARG F 8 21.95 14.77 -3.82
C ARG F 8 22.62 15.06 -5.14
N SER F 10 23.81 17.43 -8.08
CA SER F 10 24.49 18.71 -7.99
C SER F 10 23.48 19.88 -8.08
N GLY F 11 22.59 19.85 -9.08
CA GLY F 11 21.55 20.87 -9.30
C GLY F 11 20.49 20.81 -8.21
#